data_6UWJ
#
_entry.id   6UWJ
#
_cell.length_a   38.288
_cell.length_b   62.586
_cell.length_c   157.405
_cell.angle_alpha   90.000
_cell.angle_beta   90.000
_cell.angle_gamma   90.000
#
_symmetry.space_group_name_H-M   'P 21 21 21'
#
loop_
_entity.id
_entity.type
_entity.pdbx_description
1 polymer I-OnuI-e-Therm-hChr11v2
2 polymer 'DNA (27-MER)'
3 polymer 'DNA (27-MER)'
4 non-polymer 'CALCIUM ION'
5 water water
#
loop_
_entity_poly.entity_id
_entity_poly.type
_entity_poly.pdbx_seq_one_letter_code
_entity_poly.pdbx_strand_id
1 'polypeptide(L)'
;MASSINPWILTGFADAEGSFLLRIRKNNKSSVGYSTELGFQITLHNKDKSILENIQSTWGVGVIANSGDNAVSLKVTRFE
DLKVIIDHFEKYPLITQKYADYMLFKQAFNVMENKEHLTIEGIKELVRIKAKLNWGLTDELKKAFPEIISKERSLINKNI
PNFKWLAGFTSGDGCFFVNLSKKKTKLGVQVKLVFSISQHIRDKNLMNSLITYLGCGYIKKKNKSEFSWLEFVVTKFSDI
RDKIIPFFQEYTLIGTKLKDFEDWCKVAKLIEEKKHLTEEGLDEIKKIKLNMNKGR
;
A
2 'polydeoxyribonucleotide'
;(DG)(DG)(DG)(DT)(DT)(DT)(DC)(DC)(DA)(DC)(DT)(DT)(DA)(DT)(DT)(DC)(DG)(DA)(DC)(DC)
(DT)(DC)(DT)(DC)(DA)(DG)(DG)
;
B
3 'polydeoxyribonucleotide'
;(DC)(DC)(DC)(DT)(DG)(DA)(DG)(DA)(DG)(DG)(DT)(DC)(DG)(DA)(DA)(DT)(DA)(DA)(DG)(DT)
(DG)(DG)(DA)(DA)(DA)(DC)(DC)
;
C
#
# COMPACT_ATOMS: atom_id res chain seq x y z
N ALA A 2 -10.92 -19.43 2.93
CA ALA A 2 -10.47 -18.06 3.09
C ALA A 2 -10.90 -17.49 4.43
N SER A 3 -10.06 -16.63 4.98
CA SER A 3 -10.28 -15.97 6.27
C SER A 3 -10.65 -14.51 6.04
N SER A 4 -11.47 -13.96 6.93
CA SER A 4 -11.80 -12.55 6.78
C SER A 4 -10.73 -11.68 7.44
N ILE A 5 -10.65 -10.44 6.98
CA ILE A 5 -9.60 -9.51 7.39
C ILE A 5 -10.24 -8.40 8.19
N ASN A 6 -9.60 -8.01 9.29
CA ASN A 6 -10.09 -6.90 10.09
C ASN A 6 -10.20 -5.64 9.23
N PRO A 7 -11.28 -4.88 9.34
CA PRO A 7 -11.53 -3.80 8.36
C PRO A 7 -10.51 -2.69 8.40
N TRP A 8 -9.98 -2.35 9.59
CA TRP A 8 -8.97 -1.31 9.64
C TRP A 8 -7.65 -1.82 9.08
N ILE A 9 -7.34 -3.11 9.31
CA ILE A 9 -6.17 -3.70 8.67
C ILE A 9 -6.34 -3.64 7.18
N LEU A 10 -7.55 -3.94 6.70
CA LEU A 10 -7.85 -3.86 5.27
C LEU A 10 -7.65 -2.45 4.72
N THR A 11 -8.14 -1.42 5.43
CA THR A 11 -7.96 -0.07 4.93
C THR A 11 -6.49 0.33 4.91
N GLY A 12 -5.75 -0.03 5.97
CA GLY A 12 -4.32 0.27 5.97
C GLY A 12 -3.62 -0.42 4.82
N PHE A 13 -4.00 -1.66 4.53
CA PHE A 13 -3.43 -2.35 3.38
C PHE A 13 -3.84 -1.69 2.07
N ALA A 14 -5.07 -1.19 1.99
CA ALA A 14 -5.48 -0.49 0.78
C ALA A 14 -4.73 0.84 0.62
N ASP A 15 -4.45 1.54 1.71
CA ASP A 15 -3.60 2.74 1.62
C ASP A 15 -2.23 2.39 1.06
N ALA A 16 -1.73 1.20 1.34
CA ALA A 16 -0.39 0.82 0.88
C ALA A 16 -0.40 0.07 -0.45
N GLU A 17 -1.51 -0.58 -0.81
CA GLU A 17 -1.50 -1.50 -1.95
C GLU A 17 -2.65 -1.31 -2.91
N GLY A 18 -3.63 -0.45 -2.60
CA GLY A 18 -4.79 -0.29 -3.47
C GLY A 18 -4.57 0.75 -4.56
N SER A 19 -5.36 0.63 -5.61
CA SER A 19 -5.41 1.67 -6.65
C SER A 19 -6.85 1.78 -7.15
N PHE A 20 -7.30 3.01 -7.29
CA PHE A 20 -8.58 3.21 -7.96
C PHE A 20 -8.35 3.31 -9.46
N LEU A 21 -9.43 3.10 -10.22
CA LEU A 21 -9.33 2.96 -11.66
C LEU A 21 -10.52 3.62 -12.31
N LEU A 22 -10.28 4.45 -13.31
CA LEU A 22 -11.37 5.02 -14.10
C LEU A 22 -10.91 5.00 -15.56
N ARG A 23 -11.40 4.02 -16.31
CA ARG A 23 -11.07 3.87 -17.71
C ARG A 23 -12.07 4.68 -18.52
N ILE A 24 -11.58 5.51 -19.44
CA ILE A 24 -12.43 6.19 -20.42
C ILE A 24 -11.81 5.85 -21.76
N ARG A 25 -12.44 4.93 -22.48
CA ARG A 25 -11.83 4.29 -23.64
C ARG A 25 -12.56 4.70 -24.91
N LYS A 26 -11.81 5.12 -25.92
CA LYS A 26 -12.42 5.29 -27.23
C LYS A 26 -13.03 3.97 -27.65
N ASN A 27 -14.30 4.00 -28.05
CA ASN A 27 -15.05 2.77 -28.34
C ASN A 27 -15.99 3.04 -29.51
N ASN A 28 -15.63 2.49 -30.69
CA ASN A 28 -16.42 2.68 -31.91
C ASN A 28 -17.83 2.14 -31.79
N LYS A 29 -18.09 1.21 -30.87
CA LYS A 29 -19.41 0.63 -30.72
C LYS A 29 -20.31 1.40 -29.76
N SER A 30 -19.77 2.36 -29.01
CA SER A 30 -20.55 3.10 -28.03
C SER A 30 -21.23 4.31 -28.68
N SER A 31 -22.45 4.58 -28.24
CA SER A 31 -23.23 5.65 -28.85
C SER A 31 -22.53 6.99 -28.76
N VAL A 32 -21.78 7.24 -27.69
CA VAL A 32 -21.05 8.50 -27.51
C VAL A 32 -19.57 8.36 -27.85
N GLY A 33 -19.17 7.25 -28.47
CA GLY A 33 -17.79 7.09 -28.88
C GLY A 33 -16.82 6.74 -27.77
N TYR A 34 -17.30 6.58 -26.54
CA TYR A 34 -16.47 6.20 -25.40
C TYR A 34 -17.23 5.25 -24.51
N SER A 35 -16.53 4.28 -23.93
CA SER A 35 -17.05 3.45 -22.87
C SER A 35 -16.18 3.63 -21.62
N THR A 36 -16.70 3.18 -20.48
CA THR A 36 -16.04 3.46 -19.23
C THR A 36 -15.96 2.19 -18.38
N GLU A 37 -15.12 2.25 -17.37
CA GLU A 37 -15.00 1.15 -16.41
C GLU A 37 -14.44 1.75 -15.14
N LEU A 38 -15.14 1.57 -14.02
CA LEU A 38 -14.74 2.19 -12.76
C LEU A 38 -14.31 1.09 -11.78
N GLY A 39 -13.30 1.33 -10.95
CA GLY A 39 -12.94 0.20 -10.10
C GLY A 39 -11.89 0.47 -9.03
N PHE A 40 -11.56 -0.61 -8.33
CA PHE A 40 -10.55 -0.64 -7.28
C PHE A 40 -9.78 -1.93 -7.45
N GLN A 41 -8.45 -1.88 -7.29
CA GLN A 41 -7.64 -3.07 -7.53
C GLN A 41 -6.44 -3.08 -6.61
N ILE A 42 -5.91 -4.29 -6.37
CA ILE A 42 -4.69 -4.54 -5.61
C ILE A 42 -3.86 -5.53 -6.40
N THR A 43 -2.59 -5.24 -6.60
CA THR A 43 -1.69 -6.19 -7.25
C THR A 43 -0.55 -6.56 -6.29
N LEU A 44 -0.33 -7.86 -6.12
CA LEU A 44 0.67 -8.38 -5.18
C LEU A 44 1.53 -9.45 -5.86
N HIS A 45 2.61 -9.84 -5.17
CA HIS A 45 3.32 -11.02 -5.65
C HIS A 45 2.44 -12.26 -5.55
N ASN A 46 2.72 -13.23 -6.44
CA ASN A 46 2.04 -14.53 -6.42
C ASN A 46 1.96 -15.14 -5.03
N LYS A 47 3.03 -14.98 -4.24
CA LYS A 47 3.09 -15.57 -2.91
C LYS A 47 2.03 -15.01 -1.98
N ASP A 48 1.44 -13.86 -2.31
CA ASP A 48 0.41 -13.24 -1.49
C ASP A 48 -0.97 -13.38 -2.09
N LYS A 49 -1.15 -14.31 -3.03
CA LYS A 49 -2.48 -14.58 -3.55
C LYS A 49 -3.46 -14.84 -2.43
N SER A 50 -3.01 -15.42 -1.31
CA SER A 50 -3.94 -15.73 -0.24
C SER A 50 -4.58 -14.47 0.36
N ILE A 51 -3.81 -13.38 0.46
CA ILE A 51 -4.41 -12.11 0.92
C ILE A 51 -5.55 -11.73 0.00
N LEU A 52 -5.34 -11.83 -1.31
CA LEU A 52 -6.36 -11.38 -2.25
C LEU A 52 -7.61 -12.23 -2.12
N GLU A 53 -7.44 -13.55 -1.89
CA GLU A 53 -8.60 -14.39 -1.67
C GLU A 53 -9.30 -14.02 -0.38
N ASN A 54 -8.54 -13.61 0.64
CA ASN A 54 -9.17 -13.22 1.90
C ASN A 54 -9.94 -11.92 1.75
N ILE A 55 -9.39 -10.96 1.02
CA ILE A 55 -10.12 -9.72 0.78
C ILE A 55 -11.37 -10.01 -0.01
N GLN A 56 -11.25 -10.82 -1.06
CA GLN A 56 -12.40 -11.21 -1.88
C GLN A 56 -13.49 -11.84 -1.02
N SER A 57 -13.08 -12.65 -0.04
CA SER A 57 -14.02 -13.33 0.84
C SER A 57 -14.62 -12.35 1.85
N THR A 58 -13.82 -11.42 2.33
CA THR A 58 -14.28 -10.39 3.26
C THR A 58 -15.36 -9.54 2.62
N TRP A 59 -15.07 -9.01 1.43
CA TRP A 59 -16.00 -8.10 0.77
C TRP A 59 -17.06 -8.81 -0.06
N GLY A 60 -16.80 -10.05 -0.46
CA GLY A 60 -17.70 -10.73 -1.37
C GLY A 60 -17.70 -10.21 -2.79
N VAL A 61 -16.67 -9.50 -3.21
CA VAL A 61 -16.59 -8.92 -4.54
C VAL A 61 -15.19 -9.12 -5.10
N GLY A 62 -15.05 -8.91 -6.40
CA GLY A 62 -13.70 -8.85 -6.95
C GLY A 62 -13.35 -10.12 -7.71
N VAL A 63 -12.51 -9.96 -8.74
CA VAL A 63 -12.03 -11.09 -9.53
C VAL A 63 -10.51 -11.12 -9.44
N ILE A 64 -9.95 -12.34 -9.40
CA ILE A 64 -8.51 -12.55 -9.22
C ILE A 64 -7.96 -13.13 -10.50
N ALA A 65 -6.85 -12.57 -10.97
CA ALA A 65 -6.21 -13.06 -12.18
C ALA A 65 -4.70 -12.86 -12.07
N ASN A 66 -3.96 -13.64 -12.86
CA ASN A 66 -2.54 -13.39 -12.95
C ASN A 66 -2.29 -11.98 -13.45
N SER A 67 -1.21 -11.38 -12.98
CA SER A 67 -0.75 -10.08 -13.49
C SER A 67 0.69 -10.28 -13.96
N GLY A 68 0.85 -10.83 -15.18
CA GLY A 68 2.19 -11.20 -15.60
C GLY A 68 2.67 -12.47 -14.90
N ASP A 69 3.99 -12.73 -15.03
CA ASP A 69 4.53 -14.00 -14.59
C ASP A 69 4.69 -14.09 -13.07
N ASN A 70 4.81 -12.95 -12.39
CA ASN A 70 5.22 -12.92 -10.99
C ASN A 70 4.18 -12.39 -10.04
N ALA A 71 3.05 -11.87 -10.55
CA ALA A 71 2.12 -11.15 -9.70
C ALA A 71 0.69 -11.61 -10.01
N VAL A 72 -0.22 -11.15 -9.16
CA VAL A 72 -1.63 -11.51 -9.20
C VAL A 72 -2.42 -10.29 -8.73
N SER A 73 -3.59 -10.06 -9.34
CA SER A 73 -4.40 -8.92 -8.96
C SER A 73 -5.76 -9.37 -8.45
N LEU A 74 -6.34 -8.51 -7.60
CA LEU A 74 -7.75 -8.50 -7.28
C LEU A 74 -8.30 -7.22 -7.88
N LYS A 75 -9.28 -7.32 -8.77
CA LYS A 75 -9.86 -6.14 -9.39
C LYS A 75 -11.35 -6.16 -9.15
N VAL A 76 -11.89 -5.04 -8.68
CA VAL A 76 -13.34 -4.89 -8.52
C VAL A 76 -13.79 -3.81 -9.49
N THR A 77 -14.51 -4.21 -10.57
CA THR A 77 -15.08 -3.22 -11.49
C THR A 77 -16.53 -3.48 -11.84
N ARG A 78 -17.09 -4.61 -11.43
CA ARG A 78 -18.54 -4.81 -11.59
C ARG A 78 -19.28 -3.72 -10.84
N PHE A 79 -20.12 -2.96 -11.54
CA PHE A 79 -20.58 -1.68 -10.99
C PHE A 79 -21.30 -1.84 -9.64
N GLU A 80 -22.23 -2.79 -9.54
CA GLU A 80 -22.94 -2.97 -8.27
C GLU A 80 -22.01 -3.33 -7.11
N ASP A 81 -20.92 -4.03 -7.41
CA ASP A 81 -19.97 -4.41 -6.37
C ASP A 81 -19.19 -3.21 -5.85
N LEU A 82 -19.14 -2.13 -6.60
CA LEU A 82 -18.47 -0.93 -6.09
C LEU A 82 -19.17 -0.36 -4.86
N LYS A 83 -20.45 -0.67 -4.66
CA LYS A 83 -21.15 -0.19 -3.47
C LYS A 83 -20.54 -0.78 -2.21
N VAL A 84 -20.10 -2.02 -2.28
CA VAL A 84 -19.36 -2.63 -1.16
C VAL A 84 -18.08 -1.85 -0.86
N ILE A 85 -17.31 -1.51 -1.90
CA ILE A 85 -16.09 -0.72 -1.71
C ILE A 85 -16.40 0.59 -1.02
N ILE A 86 -17.40 1.31 -1.53
CA ILE A 86 -17.76 2.59 -0.94
C ILE A 86 -18.23 2.40 0.48
N ASP A 87 -19.08 1.41 0.72
CA ASP A 87 -19.55 1.19 2.09
C ASP A 87 -18.38 0.94 3.04
N HIS A 88 -17.36 0.20 2.60
CA HIS A 88 -16.20 -0.01 3.46
C HIS A 88 -15.44 1.30 3.73
N PHE A 89 -15.08 2.01 2.68
CA PHE A 89 -14.21 3.16 2.90
C PHE A 89 -14.94 4.36 3.50
N GLU A 90 -16.27 4.40 3.40
CA GLU A 90 -17.01 5.40 4.17
C GLU A 90 -16.88 5.14 5.66
N LYS A 91 -16.86 3.87 6.05
CA LYS A 91 -16.77 3.52 7.47
C LYS A 91 -15.34 3.44 7.97
N TYR A 92 -14.40 3.09 7.09
CA TYR A 92 -12.99 2.93 7.48
C TYR A 92 -12.16 3.71 6.47
N PRO A 93 -12.07 5.03 6.63
CA PRO A 93 -11.52 5.84 5.53
C PRO A 93 -10.02 5.76 5.40
N LEU A 94 -9.57 5.80 4.15
CA LEU A 94 -8.15 5.92 3.83
C LEU A 94 -7.58 7.20 4.41
N ILE A 95 -6.26 7.22 4.61
CA ILE A 95 -5.66 8.41 5.19
C ILE A 95 -4.45 8.92 4.42
N THR A 96 -3.93 8.17 3.43
CA THR A 96 -2.88 8.76 2.60
C THR A 96 -3.51 9.68 1.55
N GLN A 97 -2.67 10.20 0.64
CA GLN A 97 -3.20 10.99 -0.46
C GLN A 97 -4.13 10.16 -1.33
N LYS A 98 -4.07 8.84 -1.24
CA LYS A 98 -5.01 7.99 -1.96
C LYS A 98 -6.46 8.26 -1.57
N TYR A 99 -6.69 8.83 -0.38
CA TYR A 99 -8.05 9.23 -0.02
C TYR A 99 -8.66 10.21 -1.06
N ALA A 100 -7.84 11.11 -1.61
CA ALA A 100 -8.36 12.00 -2.65
C ALA A 100 -8.72 11.23 -3.91
N ASP A 101 -7.98 10.17 -4.23
CA ASP A 101 -8.36 9.35 -5.37
C ASP A 101 -9.67 8.63 -5.11
N TYR A 102 -9.84 8.11 -3.89
CA TYR A 102 -11.10 7.52 -3.49
C TYR A 102 -12.26 8.50 -3.68
N MET A 103 -12.08 9.75 -3.26
CA MET A 103 -13.16 10.72 -3.39
C MET A 103 -13.51 10.99 -4.85
N LEU A 104 -12.50 11.00 -5.72
CA LEU A 104 -12.74 11.15 -7.14
C LEU A 104 -13.46 9.92 -7.70
N PHE A 105 -13.05 8.74 -7.25
CA PHE A 105 -13.73 7.49 -7.61
C PHE A 105 -15.21 7.55 -7.22
N LYS A 106 -15.50 8.06 -6.01
CA LYS A 106 -16.88 8.21 -5.58
C LYS A 106 -17.66 9.15 -6.49
N GLN A 107 -17.05 10.27 -6.88
CA GLN A 107 -17.75 11.16 -7.81
C GLN A 107 -18.05 10.45 -9.11
N ALA A 108 -17.10 9.67 -9.61
CA ALA A 108 -17.35 8.97 -10.86
C ALA A 108 -18.46 7.93 -10.69
N PHE A 109 -18.50 7.27 -9.51
CA PHE A 109 -19.59 6.34 -9.24
C PHE A 109 -20.95 7.03 -9.38
N ASN A 110 -21.07 8.21 -8.80
CA ASN A 110 -22.33 8.94 -8.80
C ASN A 110 -22.79 9.30 -10.21
N VAL A 111 -21.84 9.72 -11.06
CA VAL A 111 -22.13 9.98 -12.46
C VAL A 111 -22.64 8.71 -13.14
N MET A 112 -21.92 7.60 -12.99
CA MET A 112 -22.32 6.37 -13.68
C MET A 112 -23.60 5.78 -13.12
N GLU A 113 -23.84 5.95 -11.82
CA GLU A 113 -25.08 5.44 -11.24
C GLU A 113 -26.28 6.12 -11.90
N ASN A 114 -26.12 7.37 -12.27
CA ASN A 114 -27.13 8.15 -12.97
C ASN A 114 -27.15 7.92 -14.46
N LYS A 115 -26.34 6.98 -14.96
CA LYS A 115 -26.25 6.60 -16.36
C LYS A 115 -25.80 7.76 -17.23
N GLU A 116 -25.24 8.81 -16.63
CA GLU A 116 -24.75 9.96 -17.39
C GLU A 116 -23.58 9.61 -18.29
N HIS A 117 -22.83 8.53 -18.00
CA HIS A 117 -21.72 8.15 -18.85
C HIS A 117 -22.18 7.66 -20.21
N LEU A 118 -23.49 7.47 -20.40
CA LEU A 118 -24.07 7.12 -21.68
C LEU A 118 -24.45 8.37 -22.48
N THR A 119 -24.03 9.55 -22.02
CA THR A 119 -24.19 10.80 -22.76
C THR A 119 -22.84 11.48 -22.91
N ILE A 120 -22.68 12.32 -23.95
CA ILE A 120 -21.37 12.95 -24.10
C ILE A 120 -21.08 13.91 -22.95
N GLU A 121 -22.11 14.50 -22.33
CA GLU A 121 -21.85 15.42 -21.22
C GLU A 121 -21.32 14.68 -20.01
N GLY A 122 -21.81 13.45 -19.80
CA GLY A 122 -21.33 12.67 -18.68
C GLY A 122 -19.93 12.17 -18.90
N ILE A 123 -19.59 11.79 -20.14
CA ILE A 123 -18.20 11.48 -20.43
C ILE A 123 -17.33 12.66 -20.09
N LYS A 124 -17.79 13.88 -20.45
CA LYS A 124 -17.01 15.07 -20.13
C LYS A 124 -16.80 15.19 -18.63
N GLU A 125 -17.86 14.96 -17.84
CA GLU A 125 -17.72 15.06 -16.40
C GLU A 125 -16.74 14.01 -15.85
N LEU A 126 -16.76 12.80 -16.41
CA LEU A 126 -15.80 11.79 -15.98
C LEU A 126 -14.37 12.21 -16.33
N VAL A 127 -14.18 12.86 -17.46
CA VAL A 127 -12.84 13.32 -17.83
C VAL A 127 -12.38 14.38 -16.84
N ARG A 128 -13.30 15.23 -16.42
CA ARG A 128 -12.95 16.23 -15.41
C ARG A 128 -12.50 15.57 -14.12
N ILE A 129 -13.22 14.53 -13.69
CA ILE A 129 -12.85 13.80 -12.48
C ILE A 129 -11.55 13.03 -12.69
N LYS A 130 -11.40 12.38 -13.84
CA LYS A 130 -10.20 11.59 -14.08
C LYS A 130 -8.95 12.46 -14.13
N ALA A 131 -9.09 13.74 -14.48
CA ALA A 131 -7.93 14.61 -14.69
C ALA A 131 -7.04 14.70 -13.45
N LYS A 132 -7.62 14.60 -12.24
CA LYS A 132 -6.87 14.63 -10.99
C LYS A 132 -6.71 13.26 -10.35
N LEU A 133 -7.24 12.21 -10.97
CA LEU A 133 -7.15 10.87 -10.42
C LEU A 133 -5.85 10.21 -10.86
N ASN A 134 -5.02 9.82 -9.88
CA ASN A 134 -3.81 9.06 -10.14
C ASN A 134 -2.94 9.77 -11.16
N TRP A 135 -2.65 9.16 -12.31
CA TRP A 135 -1.77 9.81 -13.29
C TRP A 135 -2.51 10.80 -14.21
N GLY A 136 -3.82 10.95 -14.08
CA GLY A 136 -4.53 11.99 -14.84
C GLY A 136 -4.85 11.57 -16.27
N LEU A 137 -5.06 12.57 -17.12
CA LEU A 137 -5.48 12.28 -18.48
C LEU A 137 -4.28 11.96 -19.35
N THR A 138 -4.43 10.99 -20.25
CA THR A 138 -3.40 10.86 -21.26
C THR A 138 -3.41 12.07 -22.19
N ASP A 139 -2.28 12.29 -22.88
CA ASP A 139 -2.26 13.34 -23.90
C ASP A 139 -3.35 13.09 -24.94
N GLU A 140 -3.56 11.82 -25.33
CA GLU A 140 -4.60 11.48 -26.29
C GLU A 140 -5.98 11.91 -25.81
N LEU A 141 -6.27 11.72 -24.53
CA LEU A 141 -7.58 12.15 -24.02
C LEU A 141 -7.67 13.66 -23.85
N LYS A 142 -6.61 14.30 -23.35
CA LYS A 142 -6.60 15.76 -23.24
C LYS A 142 -6.91 16.39 -24.59
N LYS A 143 -6.23 15.93 -25.65
CA LYS A 143 -6.53 16.44 -26.98
C LYS A 143 -8.02 16.30 -27.31
N ALA A 144 -8.66 15.22 -26.87
CA ALA A 144 -10.08 15.03 -27.16
C ALA A 144 -10.96 15.99 -26.37
N PHE A 145 -10.55 16.43 -25.19
CA PHE A 145 -11.39 17.24 -24.30
C PHE A 145 -10.65 18.46 -23.78
N PRO A 146 -10.15 19.32 -24.67
CA PRO A 146 -9.37 20.48 -24.21
C PRO A 146 -10.19 21.42 -23.37
N GLU A 147 -11.49 21.53 -23.68
CA GLU A 147 -12.43 22.37 -22.94
C GLU A 147 -12.29 22.19 -21.43
N ILE A 148 -11.92 20.98 -20.97
CA ILE A 148 -12.15 20.59 -19.58
C ILE A 148 -11.34 21.44 -18.62
N ILE A 149 -12.00 21.86 -17.54
CA ILE A 149 -11.31 22.51 -16.44
C ILE A 149 -11.56 21.66 -15.19
N SER A 150 -10.48 21.14 -14.62
CA SER A 150 -10.55 20.28 -13.46
C SER A 150 -10.34 21.08 -12.19
N LYS A 151 -11.17 20.83 -11.19
CA LYS A 151 -10.94 21.42 -9.87
C LYS A 151 -9.64 20.87 -9.29
N GLU A 152 -8.86 21.76 -8.65
CA GLU A 152 -7.58 21.41 -8.06
C GLU A 152 -7.74 20.22 -7.10
N ARG A 153 -6.65 19.51 -6.83
CA ARG A 153 -6.78 18.28 -6.07
C ARG A 153 -6.67 18.55 -4.57
N SER A 154 -7.57 17.94 -3.81
CA SER A 154 -7.54 18.10 -2.37
C SER A 154 -6.28 17.46 -1.78
N LEU A 155 -5.57 18.25 -0.98
CA LEU A 155 -4.44 17.75 -0.21
C LEU A 155 -4.97 17.15 1.09
N ILE A 156 -4.58 15.91 1.35
CA ILE A 156 -5.07 15.16 2.50
C ILE A 156 -4.07 15.32 3.63
N ASN A 157 -4.56 15.55 4.84
CA ASN A 157 -3.67 15.59 6.01
C ASN A 157 -4.46 15.01 7.19
N LYS A 158 -4.50 13.68 7.27
CA LYS A 158 -5.23 12.96 8.31
C LYS A 158 -4.24 12.29 9.25
N ASN A 159 -4.71 11.99 10.46
CA ASN A 159 -3.90 11.26 11.42
C ASN A 159 -4.14 9.76 11.26
N ILE A 160 -3.21 8.97 11.80
CA ILE A 160 -3.35 7.51 11.88
C ILE A 160 -4.56 7.18 12.77
N PRO A 161 -5.56 6.45 12.26
CA PRO A 161 -6.78 6.26 13.07
C PRO A 161 -6.62 5.27 14.21
N ASN A 162 -5.76 4.26 14.07
CA ASN A 162 -5.55 3.26 15.11
C ASN A 162 -4.42 2.36 14.66
N PHE A 163 -3.97 1.51 15.56
CA PHE A 163 -2.80 0.69 15.29
C PHE A 163 -3.08 -0.35 14.22
N LYS A 164 -4.32 -0.84 14.15
CA LYS A 164 -4.64 -1.84 13.13
C LYS A 164 -4.41 -1.29 11.73
N TRP A 165 -4.76 -0.02 11.50
CA TRP A 165 -4.44 0.62 10.23
C TRP A 165 -2.95 0.51 9.91
N LEU A 166 -2.09 0.79 10.91
CA LEU A 166 -0.66 0.73 10.66
C LEU A 166 -0.19 -0.70 10.39
N ALA A 167 -0.80 -1.69 11.04
CA ALA A 167 -0.48 -3.08 10.74
C ALA A 167 -0.78 -3.41 9.28
N GLY A 168 -1.91 -2.94 8.77
CA GLY A 168 -2.22 -3.17 7.36
C GLY A 168 -1.29 -2.42 6.42
N PHE A 169 -1.03 -1.14 6.72
CA PHE A 169 -0.14 -0.31 5.92
C PHE A 169 1.27 -0.91 5.88
N THR A 170 1.76 -1.36 7.04
CA THR A 170 3.06 -2.01 7.11
C THR A 170 3.10 -3.30 6.31
N SER A 171 2.00 -4.08 6.34
CA SER A 171 1.94 -5.31 5.56
C SER A 171 2.13 -5.03 4.07
N GLY A 172 1.75 -3.86 3.63
CA GLY A 172 1.96 -3.45 2.26
C GLY A 172 3.33 -2.85 2.01
N ASP A 173 3.64 -1.71 2.62
CA ASP A 173 4.79 -0.89 2.24
C ASP A 173 5.96 -1.00 3.22
N GLY A 174 5.89 -1.89 4.17
CA GLY A 174 6.96 -1.99 5.15
C GLY A 174 8.03 -3.02 4.77
N CYS A 175 9.09 -3.06 5.59
CA CYS A 175 10.21 -3.95 5.36
C CYS A 175 10.85 -4.33 6.70
N PHE A 176 11.03 -5.62 6.93
CA PHE A 176 11.77 -6.14 8.08
C PHE A 176 13.06 -6.75 7.55
N PHE A 177 14.19 -6.17 7.91
CA PHE A 177 15.45 -6.50 7.24
C PHE A 177 16.52 -6.79 8.27
N VAL A 178 17.30 -7.83 8.02
CA VAL A 178 18.51 -8.17 8.78
C VAL A 178 19.70 -7.62 8.01
N ASN A 179 20.28 -6.54 8.50
CA ASN A 179 21.38 -5.86 7.85
C ASN A 179 22.69 -6.50 8.32
N LEU A 180 23.46 -7.05 7.40
CA LEU A 180 24.82 -7.47 7.72
C LEU A 180 25.80 -6.53 7.01
N SER A 181 26.79 -6.04 7.74
CA SER A 181 27.80 -5.15 7.15
C SER A 181 29.15 -5.53 7.72
N LYS A 182 30.11 -5.81 6.83
CA LYS A 182 31.42 -6.25 7.28
C LYS A 182 32.07 -5.12 8.08
N LYS A 183 32.72 -5.50 9.17
CA LYS A 183 33.56 -4.57 9.89
C LYS A 183 35.01 -5.03 9.72
N LYS A 184 35.88 -4.65 10.65
CA LYS A 184 37.24 -5.14 10.69
C LYS A 184 37.37 -6.35 11.61
N THR A 185 37.14 -6.14 12.91
CA THR A 185 36.98 -7.08 14.03
C THR A 185 37.17 -8.59 13.83
N LYS A 186 37.56 -9.29 14.90
CA LYS A 186 37.71 -10.74 14.83
C LYS A 186 36.42 -11.41 14.36
N LEU A 187 35.26 -10.96 14.88
CA LEU A 187 34.00 -11.45 14.35
C LEU A 187 33.83 -11.06 12.88
N GLY A 188 33.90 -9.77 12.58
CA GLY A 188 34.00 -9.29 11.22
C GLY A 188 32.71 -8.80 10.58
N VAL A 189 31.56 -9.02 11.22
CA VAL A 189 30.25 -8.68 10.67
C VAL A 189 29.41 -8.05 11.76
N GLN A 190 28.76 -6.91 11.45
CA GLN A 190 27.78 -6.35 12.35
C GLN A 190 26.40 -6.83 11.91
N VAL A 191 25.64 -7.36 12.87
CA VAL A 191 24.23 -7.69 12.65
C VAL A 191 23.42 -6.53 13.22
N LYS A 192 22.51 -5.99 12.41
CA LYS A 192 21.69 -4.87 12.84
C LYS A 192 20.29 -5.07 12.29
N LEU A 193 19.27 -5.00 13.13
CA LEU A 193 17.91 -5.16 12.64
C LEU A 193 17.38 -3.81 12.18
N VAL A 194 16.69 -3.81 11.05
CA VAL A 194 16.14 -2.57 10.49
C VAL A 194 14.67 -2.79 10.21
N PHE A 195 13.83 -1.88 10.72
CA PHE A 195 12.43 -1.75 10.30
C PHE A 195 12.28 -0.49 9.45
N SER A 196 11.54 -0.58 8.33
CA SER A 196 11.35 0.62 7.54
C SER A 196 10.02 0.57 6.82
N ILE A 197 9.49 1.76 6.56
CA ILE A 197 8.32 1.96 5.71
C ILE A 197 8.69 2.98 4.65
N SER A 198 8.37 2.68 3.39
CA SER A 198 8.71 3.52 2.25
C SER A 198 7.46 4.23 1.75
N GLN A 199 7.61 5.48 1.30
CA GLN A 199 6.42 6.15 0.75
C GLN A 199 6.84 7.35 -0.08
N HIS A 200 6.04 7.62 -1.13
CA HIS A 200 6.19 8.81 -1.93
C HIS A 200 6.19 10.05 -1.05
N ILE A 201 6.95 11.07 -1.46
CA ILE A 201 7.14 12.25 -0.63
C ILE A 201 5.86 13.05 -0.44
N ARG A 202 4.83 12.75 -1.23
CA ARG A 202 3.57 13.45 -1.07
C ARG A 202 2.95 13.21 0.29
N ASP A 203 3.31 12.12 0.97
CA ASP A 203 2.77 11.87 2.29
C ASP A 203 3.83 12.09 3.38
N LYS A 204 4.67 13.09 3.13
CA LYS A 204 5.67 13.51 4.11
C LYS A 204 5.07 13.69 5.50
N ASN A 205 3.90 14.34 5.60
CA ASN A 205 3.32 14.60 6.93
C ASN A 205 3.00 13.30 7.65
N LEU A 206 2.36 12.37 6.96
CA LEU A 206 2.02 11.09 7.56
C LEU A 206 3.28 10.34 8.00
N MET A 207 4.26 10.29 7.12
CA MET A 207 5.50 9.56 7.40
C MET A 207 6.22 10.15 8.59
N ASN A 208 6.35 11.49 8.61
CA ASN A 208 6.95 12.18 9.75
C ASN A 208 6.23 11.83 11.05
N SER A 209 4.90 11.69 11.00
CA SER A 209 4.12 11.41 12.19
C SER A 209 4.38 10.03 12.76
N LEU A 210 4.98 9.12 11.98
CA LEU A 210 5.30 7.80 12.50
C LEU A 210 6.27 7.88 13.66
N ILE A 211 7.22 8.82 13.58
CA ILE A 211 8.21 9.00 14.64
C ILE A 211 7.51 9.27 15.97
N THR A 212 6.59 10.23 15.96
CA THR A 212 5.81 10.51 17.16
C THR A 212 4.90 9.34 17.51
N TYR A 213 4.29 8.70 16.52
CA TYR A 213 3.28 7.68 16.80
C TYR A 213 3.92 6.42 17.38
N LEU A 214 5.06 6.01 16.85
CA LEU A 214 5.75 4.82 17.33
C LEU A 214 6.75 5.13 18.43
N GLY A 215 7.13 6.41 18.59
CA GLY A 215 8.07 6.77 19.64
C GLY A 215 9.51 6.39 19.37
N CYS A 216 9.89 6.30 18.10
CA CYS A 216 11.22 5.88 17.67
C CYS A 216 11.30 6.13 16.17
N GLY A 217 12.49 5.98 15.64
CA GLY A 217 12.71 6.13 14.21
C GLY A 217 13.11 7.51 13.77
N TYR A 218 13.38 7.60 12.47
CA TYR A 218 13.75 8.83 11.80
C TYR A 218 13.40 8.70 10.33
N ILE A 219 13.42 9.84 9.63
CA ILE A 219 13.02 9.89 8.22
C ILE A 219 14.26 10.13 7.36
N LYS A 220 14.45 9.29 6.35
CA LYS A 220 15.45 9.50 5.31
C LYS A 220 14.78 9.91 4.01
N LYS A 221 15.28 10.98 3.39
CA LYS A 221 14.84 11.37 2.05
C LYS A 221 15.70 10.69 1.00
N LYS A 222 15.08 10.12 -0.02
CA LYS A 222 15.81 9.43 -1.06
C LYS A 222 15.40 9.95 -2.43
N ASN A 223 16.33 9.93 -3.37
CA ASN A 223 16.06 10.42 -4.71
C ASN A 223 16.68 9.47 -5.73
N LYS A 224 16.12 9.52 -6.93
CA LYS A 224 16.54 8.69 -8.05
C LYS A 224 16.07 9.48 -9.27
N SER A 225 17.00 10.19 -9.92
CA SER A 225 16.68 11.13 -11.00
C SER A 225 15.62 12.10 -10.47
N GLU A 226 14.50 12.29 -11.16
CA GLU A 226 13.55 13.31 -10.74
C GLU A 226 12.63 12.84 -9.62
N PHE A 227 12.71 11.57 -9.26
CA PHE A 227 11.78 11.00 -8.29
C PHE A 227 12.38 11.06 -6.88
N SER A 228 11.51 11.30 -5.91
CA SER A 228 11.86 11.40 -4.50
C SER A 228 10.84 10.66 -3.65
N TRP A 229 11.32 10.04 -2.59
CA TRP A 229 10.45 9.36 -1.64
C TRP A 229 11.10 9.41 -0.28
N LEU A 230 10.42 8.87 0.72
CA LEU A 230 10.89 8.89 2.09
C LEU A 230 10.99 7.47 2.62
N GLU A 231 11.85 7.27 3.62
CA GLU A 231 11.86 6.05 4.41
C GLU A 231 11.74 6.43 5.86
N PHE A 232 10.71 5.92 6.56
CA PHE A 232 10.74 5.85 8.02
C PHE A 232 11.58 4.63 8.41
N VAL A 233 12.58 4.82 9.28
CA VAL A 233 13.56 3.79 9.57
C VAL A 233 13.74 3.70 11.09
N VAL A 234 13.77 2.48 11.62
CA VAL A 234 14.17 2.22 13.00
C VAL A 234 15.35 1.26 12.97
N THR A 235 16.47 1.64 13.60
CA THR A 235 17.63 0.77 13.68
C THR A 235 18.11 0.53 15.11
N LYS A 236 17.67 1.33 16.08
CA LYS A 236 18.14 1.18 17.46
C LYS A 236 17.58 -0.08 18.09
N PHE A 237 18.45 -1.02 18.52
CA PHE A 237 17.93 -2.31 18.94
C PHE A 237 16.94 -2.19 20.09
N SER A 238 17.18 -1.27 21.04
CA SER A 238 16.24 -1.18 22.15
C SER A 238 14.83 -0.81 21.66
N ASP A 239 14.74 0.06 20.65
CA ASP A 239 13.42 0.38 20.08
C ASP A 239 12.82 -0.82 19.32
N ILE A 240 13.64 -1.52 18.53
CA ILE A 240 13.16 -2.73 17.87
C ILE A 240 12.59 -3.71 18.89
N ARG A 241 13.34 -3.94 19.97
CA ARG A 241 12.99 -4.97 20.95
C ARG A 241 11.77 -4.58 21.77
N ASP A 242 11.69 -3.31 22.15
CA ASP A 242 10.73 -2.85 23.13
C ASP A 242 9.52 -2.14 22.53
N LYS A 243 9.65 -1.62 21.31
CA LYS A 243 8.52 -0.96 20.65
C LYS A 243 8.07 -1.74 19.43
N ILE A 244 8.90 -1.85 18.39
CA ILE A 244 8.42 -2.39 17.11
C ILE A 244 7.95 -3.83 17.27
N ILE A 245 8.75 -4.68 17.90
CA ILE A 245 8.41 -6.10 17.98
C ILE A 245 7.13 -6.29 18.80
N PRO A 246 6.99 -5.72 20.00
CA PRO A 246 5.71 -5.88 20.70
C PRO A 246 4.51 -5.33 19.94
N PHE A 247 4.66 -4.22 19.20
CA PHE A 247 3.55 -3.67 18.42
C PHE A 247 3.03 -4.70 17.42
N PHE A 248 3.92 -5.25 16.60
CA PHE A 248 3.41 -6.17 15.58
C PHE A 248 3.12 -7.55 16.14
N GLN A 249 3.58 -7.86 17.36
CA GLN A 249 3.15 -9.11 17.99
C GLN A 249 1.69 -9.03 18.41
N GLU A 250 1.23 -7.83 18.72
CA GLU A 250 -0.15 -7.57 19.10
C GLU A 250 -1.03 -7.36 17.89
N TYR A 251 -0.56 -6.56 16.94
CA TYR A 251 -1.34 -6.13 15.76
C TYR A 251 -0.81 -6.89 14.57
N THR A 252 -1.46 -8.00 14.24
CA THR A 252 -0.81 -9.02 13.43
C THR A 252 -0.76 -8.62 11.97
N LEU A 253 0.43 -8.72 11.40
CA LEU A 253 0.61 -8.51 9.97
C LEU A 253 -0.09 -9.57 9.15
N ILE A 254 -0.32 -9.25 7.87
CA ILE A 254 -0.89 -10.22 6.96
C ILE A 254 0.09 -10.51 5.83
N GLY A 255 -0.13 -11.66 5.17
CA GLY A 255 0.67 -11.99 4.01
C GLY A 255 2.09 -12.42 4.35
N THR A 256 2.94 -12.38 3.32
CA THR A 256 4.28 -12.91 3.48
C THR A 256 5.06 -12.09 4.46
N LYS A 257 4.71 -10.79 4.60
CA LYS A 257 5.46 -9.96 5.53
C LYS A 257 5.33 -10.46 6.96
N LEU A 258 4.24 -11.14 7.29
CA LEU A 258 4.15 -11.76 8.61
C LEU A 258 5.28 -12.76 8.80
N LYS A 259 5.55 -13.58 7.79
CA LYS A 259 6.63 -14.55 7.93
C LYS A 259 7.99 -13.85 8.04
N ASP A 260 8.22 -12.79 7.25
CA ASP A 260 9.45 -12.04 7.44
C ASP A 260 9.57 -11.52 8.86
N PHE A 261 8.47 -10.99 9.40
CA PHE A 261 8.54 -10.45 10.77
C PHE A 261 8.83 -11.57 11.77
N GLU A 262 8.21 -12.73 11.60
CA GLU A 262 8.48 -13.87 12.47
C GLU A 262 9.97 -14.26 12.45
N ASP A 263 10.58 -14.34 11.26
CA ASP A 263 12.02 -14.63 11.15
C ASP A 263 12.87 -13.52 11.79
N TRP A 264 12.52 -12.26 11.49
CA TRP A 264 13.18 -11.11 12.09
C TRP A 264 13.19 -11.19 13.61
N CYS A 265 12.08 -11.59 14.23
CA CYS A 265 12.08 -11.70 15.69
C CYS A 265 13.00 -12.81 16.18
N LYS A 266 13.14 -13.90 15.43
CA LYS A 266 14.10 -14.94 15.78
C LYS A 266 15.49 -14.35 15.92
N VAL A 267 15.86 -13.43 15.02
CA VAL A 267 17.16 -12.81 15.06
C VAL A 267 17.28 -11.86 16.24
N ALA A 268 16.22 -11.09 16.52
CA ALA A 268 16.22 -10.25 17.71
C ALA A 268 16.44 -11.07 18.97
N LYS A 269 15.84 -12.25 19.06
CA LYS A 269 16.08 -13.10 20.22
C LYS A 269 17.56 -13.41 20.37
N LEU A 270 18.19 -13.83 19.26
CA LEU A 270 19.62 -14.15 19.30
C LEU A 270 20.45 -12.93 19.67
N ILE A 271 20.02 -11.74 19.21
CA ILE A 271 20.74 -10.51 19.52
C ILE A 271 20.61 -10.16 20.99
N GLU A 272 19.41 -10.35 21.55
CA GLU A 272 19.22 -10.09 22.97
C GLU A 272 20.09 -11.02 23.82
N GLU A 273 20.27 -12.26 23.37
CA GLU A 273 21.15 -13.19 24.08
C GLU A 273 22.60 -13.03 23.70
N LYS A 274 22.93 -11.98 22.96
CA LYS A 274 24.28 -11.66 22.48
C LYS A 274 24.87 -12.78 21.61
N LYS A 275 24.04 -13.70 21.13
CA LYS A 275 24.56 -14.77 20.29
C LYS A 275 25.03 -14.26 18.94
N HIS A 276 24.66 -13.05 18.56
CA HIS A 276 25.15 -12.47 17.32
C HIS A 276 26.61 -12.07 17.37
N LEU A 277 27.21 -12.04 18.56
CA LEU A 277 28.63 -11.78 18.66
C LEU A 277 29.44 -13.07 18.77
N THR A 278 28.84 -14.20 18.38
CA THR A 278 29.52 -15.48 18.32
C THR A 278 29.47 -16.03 16.90
N GLU A 279 30.41 -16.93 16.59
CA GLU A 279 30.43 -17.52 15.25
C GLU A 279 29.26 -18.49 15.05
N GLU A 280 28.88 -19.21 16.11
CA GLU A 280 27.74 -20.10 15.96
C GLU A 280 26.44 -19.32 15.76
N GLY A 281 26.28 -18.21 16.48
CA GLY A 281 25.07 -17.43 16.35
C GLY A 281 25.00 -16.71 15.02
N LEU A 282 26.14 -16.23 14.53
CA LEU A 282 26.19 -15.59 13.21
C LEU A 282 25.75 -16.54 12.11
N ASP A 283 26.20 -17.80 12.17
CA ASP A 283 25.70 -18.84 11.25
C ASP A 283 24.20 -18.89 11.26
N GLU A 284 23.60 -18.94 12.46
CA GLU A 284 22.17 -19.08 12.56
C GLU A 284 21.48 -17.87 11.94
N ILE A 285 22.01 -16.68 12.20
CA ILE A 285 21.41 -15.45 11.72
C ILE A 285 21.53 -15.37 10.20
N LYS A 286 22.66 -15.79 9.65
CA LYS A 286 22.80 -15.79 8.19
C LYS A 286 21.82 -16.77 7.56
N LYS A 287 21.58 -17.89 8.23
CA LYS A 287 20.60 -18.85 7.75
C LYS A 287 19.19 -18.25 7.76
N ILE A 288 18.82 -17.59 8.85
CA ILE A 288 17.49 -16.95 8.87
C ILE A 288 17.38 -15.89 7.78
N LYS A 289 18.41 -15.04 7.67
CA LYS A 289 18.38 -13.96 6.68
C LYS A 289 18.23 -14.51 5.26
N LEU A 290 18.91 -15.61 4.96
CA LEU A 290 18.82 -16.19 3.62
C LEU A 290 17.39 -16.57 3.27
N ASN A 291 16.61 -17.03 4.25
CA ASN A 291 15.25 -17.50 4.04
C ASN A 291 14.20 -16.38 4.09
N MET A 292 14.59 -15.12 4.16
CA MET A 292 13.66 -14.01 4.35
C MET A 292 13.41 -13.25 3.05
N ASN A 293 12.25 -12.56 3.02
CA ASN A 293 11.96 -11.54 2.01
C ASN A 293 12.08 -12.14 0.62
N LYS A 294 12.93 -11.56 -0.24
CA LYS A 294 13.15 -12.11 -1.58
C LYS A 294 13.70 -13.55 -1.52
#